data_1SZH
#
_entry.id   1SZH
#
_cell.length_a   52.970
_cell.length_b   58.930
_cell.length_c   99.000
_cell.angle_alpha   90.00
_cell.angle_beta   90.00
_cell.angle_gamma   90.00
#
_symmetry.space_group_name_H-M   'P 21 21 21'
#
loop_
_entity.id
_entity.type
_entity.pdbx_description
1 polymer 'Her-1 protein'
2 non-polymer 'ACETATE ION'
3 water water
#
_entity_poly.entity_id   1
_entity_poly.type   'polypeptide(L)'
_entity_poly.pdbx_seq_one_letter_code
;GSSSTLTKELIKDAAEKCCTRNRQECCIEIMKFGTPIRCGYDRDPKLPGYVYKCLQNVLFAKEPKKKINLDDSVCCSVFG
NDQEDSGRRCENRCKNLMTSPSIDAATRLDSIKSCSLLDNVLYKCFEKCRSLRKDGIKIEVLQFEEYCEATFIQKRTFRG
V
;
_entity_poly.pdbx_strand_id   A,B
#
# COMPACT_ATOMS: atom_id res chain seq x y z
N SER A 4 17.39 1.56 29.23
CA SER A 4 15.96 1.27 29.54
C SER A 4 15.75 -0.24 29.59
N THR A 5 16.06 -0.91 28.48
CA THR A 5 15.91 -2.35 28.41
C THR A 5 17.23 -3.00 28.00
N LEU A 6 18.00 -2.30 27.17
CA LEU A 6 19.27 -2.83 26.68
C LEU A 6 20.34 -2.95 27.75
N THR A 7 20.87 -4.17 27.89
CA THR A 7 21.94 -4.47 28.83
C THR A 7 23.09 -5.07 28.03
N LYS A 8 24.26 -5.07 28.64
CA LYS A 8 25.45 -5.63 28.02
C LYS A 8 25.19 -7.13 27.75
N GLU A 9 24.60 -7.80 28.73
CA GLU A 9 24.31 -9.23 28.59
C GLU A 9 23.43 -9.52 27.39
N LEU A 10 22.34 -8.77 27.27
CA LEU A 10 21.38 -8.95 26.18
C LEU A 10 22.01 -8.69 24.79
N ILE A 11 22.76 -7.60 24.67
CA ILE A 11 23.41 -7.28 23.40
C ILE A 11 24.44 -8.33 23.01
N LYS A 12 25.23 -8.79 23.98
CA LYS A 12 26.22 -9.81 23.67
C LYS A 12 25.53 -11.11 23.25
N ASP A 13 24.42 -11.45 23.90
CA ASP A 13 23.69 -12.66 23.55
C ASP A 13 23.13 -12.56 22.13
N ALA A 14 22.57 -11.41 21.79
CA ALA A 14 22.01 -11.23 20.44
C ALA A 14 23.12 -11.34 19.39
N ALA A 15 24.27 -10.72 19.66
CA ALA A 15 25.37 -10.78 18.72
C ALA A 15 25.83 -12.23 18.52
N GLU A 16 25.92 -12.99 19.61
CA GLU A 16 26.34 -14.39 19.55
C GLU A 16 25.38 -15.26 18.76
N LYS A 17 24.09 -14.98 18.87
CA LYS A 17 23.07 -15.77 18.18
C LYS A 17 22.81 -15.36 16.75
N CYS A 18 23.20 -14.15 16.40
CA CYS A 18 22.88 -13.64 15.08
C CYS A 18 24.00 -13.27 14.12
N CYS A 19 25.17 -12.96 14.65
CA CYS A 19 26.33 -12.56 13.84
C CYS A 19 27.43 -13.62 13.82
N THR A 20 28.24 -13.61 12.77
CA THR A 20 29.35 -14.56 12.65
C THR A 20 30.40 -14.20 13.69
N ARG A 21 31.31 -15.13 13.99
CA ARG A 21 32.34 -14.87 14.97
C ARG A 21 33.16 -13.61 14.71
N ASN A 22 33.53 -13.39 13.46
CA ASN A 22 34.37 -12.23 13.15
C ASN A 22 33.61 -10.91 13.17
N ARG A 23 32.27 -10.98 13.18
CA ARG A 23 31.47 -9.76 13.17
C ARG A 23 30.79 -9.46 14.52
N GLN A 24 31.15 -10.21 15.55
CA GLN A 24 30.56 -10.00 16.86
C GLN A 24 30.71 -8.58 17.38
N GLU A 25 31.94 -8.08 17.35
CA GLU A 25 32.22 -6.75 17.87
C GLU A 25 31.47 -5.70 17.09
N CYS A 26 31.39 -5.87 15.78
CA CYS A 26 30.67 -4.91 14.96
C CYS A 26 29.19 -4.92 15.32
N CYS A 27 28.62 -6.11 15.50
CA CYS A 27 27.20 -6.20 15.86
C CYS A 27 26.94 -5.56 17.21
N ILE A 28 27.84 -5.78 18.17
CA ILE A 28 27.69 -5.17 19.49
C ILE A 28 27.74 -3.66 19.33
N GLU A 29 28.65 -3.18 18.47
CA GLU A 29 28.77 -1.72 18.25
C GLU A 29 27.53 -1.09 17.65
N ILE A 30 26.97 -1.69 16.60
CA ILE A 30 25.78 -1.08 16.01
C ILE A 30 24.59 -1.17 16.98
N MET A 31 24.56 -2.16 17.85
CA MET A 31 23.46 -2.21 18.82
C MET A 31 23.62 -1.13 19.90
N LYS A 32 24.83 -0.93 20.40
CA LYS A 32 25.01 0.06 21.47
C LYS A 32 24.88 1.48 20.95
N PHE A 33 25.22 1.69 19.70
CA PHE A 33 25.12 3.03 19.10
C PHE A 33 23.75 3.24 18.47
N GLY A 34 22.97 2.18 18.29
CA GLY A 34 21.67 2.36 17.70
C GLY A 34 21.76 2.73 16.22
N THR A 35 22.54 1.98 15.44
CA THR A 35 22.69 2.26 14.02
C THR A 35 22.37 1.02 13.19
N PRO A 36 22.28 1.18 11.86
CA PRO A 36 21.98 0.03 11.00
C PRO A 36 23.14 -0.96 10.99
N ILE A 37 22.84 -2.18 10.57
CA ILE A 37 23.85 -3.22 10.46
C ILE A 37 24.67 -3.05 9.18
N ARG A 38 25.99 -2.95 9.30
CA ARG A 38 26.83 -2.89 8.11
C ARG A 38 27.68 -4.14 8.31
N CYS A 39 28.79 -4.00 9.02
CA CYS A 39 29.58 -5.14 9.40
C CYS A 39 30.20 -6.04 8.34
N GLY A 40 30.31 -5.55 7.11
CA GLY A 40 30.96 -6.36 6.11
C GLY A 40 30.10 -7.47 5.54
N TYR A 41 28.80 -7.35 5.70
CA TYR A 41 27.89 -8.35 5.15
C TYR A 41 27.67 -7.82 3.72
N ASP A 42 28.64 -8.08 2.84
CA ASP A 42 28.64 -7.62 1.45
C ASP A 42 28.26 -8.64 0.38
N ARG A 43 28.81 -9.85 0.49
CA ARG A 43 28.53 -10.88 -0.51
C ARG A 43 27.04 -11.10 -0.74
N ASP A 44 26.26 -11.22 0.32
CA ASP A 44 24.83 -11.41 0.16
C ASP A 44 24.12 -10.19 0.73
N PRO A 45 23.61 -9.33 -0.15
CA PRO A 45 22.91 -8.10 0.25
C PRO A 45 21.61 -8.32 1.02
N LYS A 46 21.09 -9.53 1.05
CA LYS A 46 19.86 -9.78 1.80
C LYS A 46 20.19 -10.17 3.23
N LEU A 47 21.44 -10.54 3.49
CA LEU A 47 21.76 -10.98 4.83
C LEU A 47 21.61 -9.96 5.97
N PRO A 48 21.99 -8.67 5.73
CA PRO A 48 21.85 -7.68 6.80
C PRO A 48 20.41 -7.63 7.29
N GLY A 49 19.47 -7.76 6.35
CA GLY A 49 18.06 -7.75 6.69
C GLY A 49 17.70 -8.92 7.59
N TYR A 50 18.23 -10.09 7.32
CA TYR A 50 17.93 -11.24 8.17
C TYR A 50 18.58 -11.09 9.54
N VAL A 51 19.79 -10.51 9.58
CA VAL A 51 20.45 -10.29 10.85
C VAL A 51 19.63 -9.29 11.68
N TYR A 52 19.05 -8.30 11.00
CA TYR A 52 18.22 -7.32 11.71
C TYR A 52 17.06 -8.02 12.41
N LYS A 53 16.42 -8.95 11.70
CA LYS A 53 15.28 -9.66 12.26
C LYS A 53 15.71 -10.55 13.42
N CYS A 54 16.84 -11.22 13.26
CA CYS A 54 17.36 -12.08 14.33
C CYS A 54 17.65 -11.21 15.58
N LEU A 55 18.35 -10.08 15.40
CA LEU A 55 18.66 -9.23 16.53
C LEU A 55 17.40 -8.72 17.23
N GLN A 56 16.43 -8.26 16.46
CA GLN A 56 15.19 -7.77 17.07
C GLN A 56 14.50 -8.85 17.91
N ASN A 57 14.50 -10.07 17.38
CA ASN A 57 13.86 -11.18 18.06
C ASN A 57 14.56 -11.51 19.37
N VAL A 58 15.88 -11.35 19.45
CA VAL A 58 16.56 -11.64 20.72
C VAL A 58 16.45 -10.45 21.68
N LEU A 59 16.76 -9.24 21.20
CA LEU A 59 16.72 -8.06 22.07
C LEU A 59 15.35 -7.77 22.66
N PHE A 60 14.30 -8.01 21.87
CA PHE A 60 12.95 -7.69 22.30
C PHE A 60 12.09 -8.94 22.51
N ALA A 61 12.72 -10.03 22.91
CA ALA A 61 12.01 -11.29 23.12
C ALA A 61 10.87 -11.14 24.14
N LYS A 62 11.14 -10.41 25.22
CA LYS A 62 10.13 -10.22 26.25
C LYS A 62 9.14 -9.09 25.98
N GLU A 63 9.50 -8.17 25.08
CA GLU A 63 8.63 -7.05 24.76
C GLU A 63 8.49 -6.96 23.24
N PRO A 64 7.78 -7.91 22.64
CA PRO A 64 7.56 -7.96 21.20
C PRO A 64 6.97 -6.70 20.55
N LYS A 65 6.21 -5.93 21.32
CA LYS A 65 5.62 -4.70 20.78
C LYS A 65 6.70 -3.64 20.50
N LYS A 66 7.92 -3.88 20.94
CA LYS A 66 8.99 -2.90 20.67
C LYS A 66 9.61 -3.10 19.29
N LYS A 67 9.29 -4.21 18.66
CA LYS A 67 9.83 -4.52 17.34
C LYS A 67 9.08 -3.80 16.21
N ILE A 68 9.79 -3.55 15.12
CA ILE A 68 9.19 -2.96 13.92
C ILE A 68 9.67 -3.76 12.73
N ASN A 69 8.74 -4.17 11.87
CA ASN A 69 9.09 -4.95 10.71
C ASN A 69 10.06 -4.18 9.81
N LEU A 70 11.14 -4.83 9.41
CA LEU A 70 12.12 -4.18 8.55
C LEU A 70 11.53 -3.55 7.28
N ASP A 71 10.50 -4.19 6.72
CA ASP A 71 9.87 -3.69 5.50
C ASP A 71 9.24 -2.32 5.66
N ASP A 72 8.88 -1.93 6.88
CA ASP A 72 8.28 -0.62 7.09
C ASP A 72 9.25 0.53 6.79
N SER A 73 10.55 0.24 6.68
CA SER A 73 11.47 1.32 6.41
C SER A 73 11.22 1.96 5.03
N VAL A 74 10.59 1.22 4.13
CA VAL A 74 10.31 1.78 2.80
C VAL A 74 9.30 2.93 2.88
N CYS A 75 8.52 2.97 3.95
CA CYS A 75 7.52 4.02 4.13
C CYS A 75 8.15 5.39 4.37
N CYS A 76 9.40 5.38 4.80
CA CYS A 76 10.11 6.62 5.09
C CYS A 76 10.22 7.57 3.89
N SER A 77 10.16 7.03 2.68
CA SER A 77 10.29 7.83 1.46
C SER A 77 9.26 8.93 1.38
N VAL A 78 8.14 8.76 2.09
CA VAL A 78 7.10 9.78 2.00
C VAL A 78 7.52 11.15 2.53
N PHE A 79 8.46 11.19 3.46
CA PHE A 79 8.86 12.47 4.02
C PHE A 79 9.58 13.38 3.07
N GLY A 80 10.15 12.79 2.02
CA GLY A 80 10.87 13.56 1.03
C GLY A 80 9.93 14.25 0.06
N ASN A 81 8.63 13.98 0.18
CA ASN A 81 7.67 14.61 -0.73
C ASN A 81 7.59 16.08 -0.39
N ASP A 82 8.07 16.39 0.81
CA ASP A 82 8.13 17.78 1.26
C ASP A 82 9.43 18.18 0.55
N GLN A 83 9.30 18.68 -0.68
CA GLN A 83 10.45 19.06 -1.48
C GLN A 83 11.24 20.23 -0.90
N GLU A 84 11.71 20.04 0.33
CA GLU A 84 12.50 21.04 1.04
C GLU A 84 13.59 20.25 1.75
N ASP A 85 14.70 20.88 2.06
CA ASP A 85 15.80 20.19 2.71
C ASP A 85 15.39 19.46 3.98
N SER A 86 14.48 20.03 4.76
CA SER A 86 14.07 19.37 6.01
C SER A 86 13.34 18.07 5.70
N GLY A 87 12.64 18.04 4.58
CA GLY A 87 11.94 16.81 4.21
C GLY A 87 12.91 15.68 3.96
N ARG A 88 13.94 15.95 3.18
CA ARG A 88 14.95 14.94 2.86
C ARG A 88 15.69 14.55 4.15
N ARG A 89 15.92 15.52 5.03
CA ARG A 89 16.60 15.21 6.28
C ARG A 89 15.75 14.27 7.14
N CYS A 90 14.45 14.53 7.22
CA CYS A 90 13.60 13.66 8.03
C CYS A 90 13.50 12.29 7.35
N GLU A 91 13.46 12.28 6.01
CA GLU A 91 13.37 10.99 5.29
C GLU A 91 14.60 10.13 5.61
N ASN A 92 15.78 10.74 5.56
CA ASN A 92 17.03 10.01 5.85
C ASN A 92 17.13 9.58 7.30
N ARG A 93 16.67 10.43 8.23
CA ARG A 93 16.67 10.13 9.65
C ARG A 93 15.75 8.92 9.83
N CYS A 94 14.58 8.96 9.20
CA CYS A 94 13.62 7.86 9.30
C CYS A 94 14.24 6.57 8.76
N LYS A 95 14.87 6.62 7.59
CA LYS A 95 15.45 5.41 7.03
C LYS A 95 16.50 4.82 7.97
N ASN A 96 17.33 5.68 8.57
CA ASN A 96 18.34 5.19 9.49
C ASN A 96 17.69 4.57 10.73
N LEU A 97 16.74 5.26 11.34
CA LEU A 97 16.07 4.74 12.53
C LEU A 97 15.39 3.41 12.24
N MET A 98 14.68 3.35 11.12
CA MET A 98 13.90 2.16 10.81
C MET A 98 14.70 0.95 10.39
N THR A 99 16.02 1.12 10.25
CA THR A 99 16.88 -0.01 9.92
C THR A 99 17.89 -0.28 11.05
N SER A 100 17.67 0.33 12.22
CA SER A 100 18.56 0.18 13.40
C SER A 100 17.86 -0.85 14.32
N PRO A 101 18.32 -2.10 14.30
CA PRO A 101 17.67 -3.12 15.13
C PRO A 101 17.54 -2.92 16.62
N SER A 102 18.45 -2.17 17.24
CA SER A 102 18.36 -2.00 18.68
C SER A 102 17.53 -0.82 19.17
N ILE A 103 16.97 -0.02 18.25
CA ILE A 103 16.15 1.11 18.67
C ILE A 103 14.69 0.64 18.73
N ASP A 104 14.09 0.74 19.91
CA ASP A 104 12.71 0.29 20.03
C ASP A 104 11.74 1.19 19.29
N ALA A 105 10.55 0.65 19.06
CA ALA A 105 9.49 1.35 18.33
C ALA A 105 9.19 2.76 18.81
N ALA A 106 8.92 2.91 20.10
CA ALA A 106 8.57 4.22 20.65
C ALA A 106 9.64 5.26 20.42
N THR A 107 10.89 4.88 20.60
CA THR A 107 11.99 5.82 20.42
C THR A 107 12.09 6.25 18.96
N ARG A 108 11.96 5.29 18.04
CA ARG A 108 12.02 5.64 16.62
C ARG A 108 10.86 6.56 16.25
N LEU A 109 9.65 6.15 16.62
CA LEU A 109 8.47 6.90 16.24
C LEU A 109 8.41 8.29 16.84
N ASP A 110 8.89 8.44 18.07
CA ASP A 110 8.91 9.76 18.69
C ASP A 110 9.82 10.69 17.88
N SER A 111 10.96 10.17 17.43
CA SER A 111 11.92 10.99 16.67
C SER A 111 11.38 11.31 15.29
N ILE A 112 10.76 10.34 14.64
CA ILE A 112 10.19 10.56 13.32
C ILE A 112 9.00 11.54 13.42
N LYS A 113 8.15 11.38 14.42
CA LYS A 113 7.02 12.30 14.56
C LYS A 113 7.55 13.70 14.82
N SER A 114 8.62 13.82 15.61
CA SER A 114 9.16 15.14 15.89
C SER A 114 9.72 15.83 14.66
N CYS A 115 10.48 15.13 13.81
CA CYS A 115 11.00 15.84 12.64
C CYS A 115 9.96 16.17 11.59
N SER A 116 8.82 15.52 11.66
CA SER A 116 7.77 15.80 10.69
C SER A 116 6.64 16.63 11.34
N LEU A 117 6.89 17.26 12.49
CA LEU A 117 5.82 18.02 13.14
C LEU A 117 5.13 19.11 12.33
N LEU A 118 5.84 19.70 11.40
CA LEU A 118 5.25 20.74 10.56
C LEU A 118 4.77 20.16 9.23
N ASP A 119 4.73 18.84 9.16
CA ASP A 119 4.25 18.11 7.99
C ASP A 119 3.42 16.94 8.50
N ASN A 120 2.44 17.25 9.35
CA ASN A 120 1.60 16.20 9.93
C ASN A 120 0.99 15.24 8.91
N VAL A 121 0.58 15.78 7.76
CA VAL A 121 -0.01 14.96 6.70
C VAL A 121 0.95 13.85 6.28
N LEU A 122 2.24 14.17 6.17
CA LEU A 122 3.22 13.16 5.75
C LEU A 122 3.42 12.08 6.83
N TYR A 123 3.39 12.47 8.10
CA TYR A 123 3.50 11.50 9.20
C TYR A 123 2.29 10.55 9.17
N LYS A 124 1.11 11.09 8.89
CA LYS A 124 -0.07 10.23 8.84
C LYS A 124 0.04 9.26 7.67
N CYS A 125 0.62 9.71 6.56
CA CYS A 125 0.80 8.83 5.40
C CYS A 125 1.82 7.74 5.75
N PHE A 126 2.87 8.12 6.46
CA PHE A 126 3.88 7.15 6.88
C PHE A 126 3.20 6.06 7.72
N GLU A 127 2.34 6.48 8.64
CA GLU A 127 1.66 5.51 9.48
C GLU A 127 0.70 4.66 8.66
N LYS A 128 0.04 5.28 7.69
CA LYS A 128 -0.90 4.52 6.83
C LYS A 128 -0.13 3.47 6.01
N CYS A 129 1.03 3.85 5.50
CA CYS A 129 1.86 2.93 4.75
C CYS A 129 2.21 1.73 5.64
N ARG A 130 2.55 1.97 6.91
CA ARG A 130 2.87 0.87 7.81
C ARG A 130 1.66 -0.05 8.02
N SER A 131 0.47 0.56 8.17
CA SER A 131 -0.76 -0.22 8.35
C SER A 131 -1.04 -1.07 7.11
N LEU A 132 -0.91 -0.48 5.93
CA LEU A 132 -1.14 -1.26 4.69
C LEU A 132 -0.16 -2.44 4.57
N ARG A 133 1.11 -2.22 4.94
CA ARG A 133 2.11 -3.31 4.90
C ARG A 133 1.64 -4.43 5.86
N LYS A 134 1.23 -4.03 7.06
CA LYS A 134 0.74 -4.98 8.07
C LYS A 134 -0.50 -5.73 7.53
N ASP A 135 -1.30 -5.05 6.72
CA ASP A 135 -2.51 -5.66 6.13
C ASP A 135 -2.29 -6.56 4.92
N GLY A 136 -1.03 -6.78 4.55
CA GLY A 136 -0.77 -7.69 3.45
C GLY A 136 -0.48 -7.09 2.09
N ILE A 137 -0.43 -5.77 2.01
CA ILE A 137 -0.13 -5.09 0.76
C ILE A 137 1.39 -4.91 0.63
N LYS A 138 1.96 -5.38 -0.48
CA LYS A 138 3.38 -5.18 -0.71
C LYS A 138 3.40 -3.70 -1.09
N ILE A 139 3.67 -2.84 -0.11
CA ILE A 139 3.63 -1.39 -0.33
C ILE A 139 4.43 -0.81 -1.50
N GLU A 140 5.53 -1.45 -1.87
CA GLU A 140 6.35 -1.01 -2.99
C GLU A 140 5.54 -1.00 -4.29
N VAL A 141 4.45 -1.76 -4.31
CA VAL A 141 3.56 -1.87 -5.47
C VAL A 141 2.75 -0.57 -5.69
N LEU A 142 2.45 0.12 -4.59
CA LEU A 142 1.67 1.36 -4.62
C LEU A 142 2.54 2.57 -4.33
N GLN A 143 2.27 3.69 -4.97
CA GLN A 143 3.02 4.90 -4.67
C GLN A 143 2.13 5.60 -3.65
N PHE A 144 2.71 6.42 -2.77
CA PHE A 144 1.91 7.06 -1.73
C PHE A 144 0.70 7.78 -2.27
N GLU A 145 0.82 8.35 -3.45
CA GLU A 145 -0.29 9.09 -4.06
C GLU A 145 -1.53 8.23 -4.22
N GLU A 146 -1.37 6.92 -4.22
CA GLU A 146 -2.51 6.00 -4.39
C GLU A 146 -3.29 5.68 -3.12
N TYR A 147 -2.69 5.89 -1.96
CA TYR A 147 -3.44 5.61 -0.75
C TYR A 147 -3.38 6.75 0.23
N CYS A 148 -2.59 7.76 -0.13
CA CYS A 148 -2.49 9.00 0.65
C CYS A 148 -2.86 10.02 -0.42
N GLU A 149 -4.15 10.50 -0.31
CA GLU A 149 -4.67 11.48 -1.26
C GLU A 149 -4.40 12.94 -0.94
N ALA A 150 -3.49 13.24 -0.08
CA ALA A 150 -3.19 14.63 0.24
C ALA A 150 -1.69 14.92 0.20
N LEU B 6 -4.76 -12.40 -18.75
CA LEU B 6 -4.43 -12.94 -17.41
C LEU B 6 -4.05 -14.41 -17.48
N THR B 7 -3.04 -14.77 -16.71
CA THR B 7 -2.56 -16.13 -16.63
C THR B 7 -2.64 -16.55 -15.17
N LYS B 8 -2.57 -17.86 -14.93
CA LYS B 8 -2.60 -18.43 -13.60
C LYS B 8 -1.43 -17.85 -12.80
N GLU B 9 -0.27 -17.74 -13.44
CA GLU B 9 0.94 -17.22 -12.80
C GLU B 9 0.76 -15.79 -12.30
N LEU B 10 0.20 -14.95 -13.17
CA LEU B 10 -0.03 -13.55 -12.88
C LEU B 10 -1.06 -13.36 -11.76
N ILE B 11 -2.15 -14.13 -11.81
CA ILE B 11 -3.15 -14.02 -10.76
C ILE B 11 -2.59 -14.49 -9.41
N LYS B 12 -1.84 -15.58 -9.40
CA LYS B 12 -1.27 -16.05 -8.15
C LYS B 12 -0.28 -15.03 -7.56
N ASP B 13 0.54 -14.43 -8.41
CA ASP B 13 1.53 -13.43 -7.97
C ASP B 13 0.81 -12.21 -7.38
N ALA B 14 -0.25 -11.75 -8.05
CA ALA B 14 -0.99 -10.59 -7.55
C ALA B 14 -1.62 -10.90 -6.19
N ALA B 15 -2.17 -12.12 -6.02
CA ALA B 15 -2.79 -12.48 -4.75
C ALA B 15 -1.74 -12.53 -3.64
N GLU B 16 -0.57 -13.05 -3.96
CA GLU B 16 0.52 -13.14 -2.98
C GLU B 16 1.01 -11.75 -2.57
N LYS B 17 1.06 -10.84 -3.52
CA LYS B 17 1.56 -9.51 -3.23
C LYS B 17 0.56 -8.55 -2.63
N CYS B 18 -0.73 -8.88 -2.73
CA CYS B 18 -1.73 -7.93 -2.28
C CYS B 18 -2.74 -8.35 -1.22
N CYS B 19 -2.90 -9.66 -1.05
CA CYS B 19 -3.90 -10.16 -0.09
C CYS B 19 -3.22 -10.91 1.04
N THR B 20 -3.87 -10.89 2.21
CA THR B 20 -3.34 -11.60 3.37
C THR B 20 -3.40 -13.10 3.10
N ARG B 21 -2.64 -13.87 3.87
CA ARG B 21 -2.59 -15.32 3.67
C ARG B 21 -3.96 -15.99 3.63
N ASN B 22 -4.80 -15.68 4.61
CA ASN B 22 -6.12 -16.27 4.72
C ASN B 22 -7.15 -15.72 3.73
N ARG B 23 -6.73 -14.81 2.87
CA ARG B 23 -7.65 -14.25 1.87
C ARG B 23 -7.16 -14.53 0.43
N GLN B 24 -6.11 -15.34 0.30
CA GLN B 24 -5.55 -15.71 -1.01
C GLN B 24 -6.58 -16.29 -1.94
N GLU B 25 -7.27 -17.31 -1.44
CA GLU B 25 -8.28 -18.01 -2.22
C GLU B 25 -9.36 -17.06 -2.70
N CYS B 26 -9.84 -16.19 -1.81
CA CYS B 26 -10.89 -15.26 -2.20
C CYS B 26 -10.38 -14.31 -3.29
N CYS B 27 -9.16 -13.81 -3.11
CA CYS B 27 -8.58 -12.91 -4.10
C CYS B 27 -8.43 -13.58 -5.46
N ILE B 28 -7.97 -14.82 -5.46
CA ILE B 28 -7.83 -15.56 -6.71
C ILE B 28 -9.21 -15.73 -7.37
N GLU B 29 -10.26 -16.03 -6.58
CA GLU B 29 -11.59 -16.21 -7.15
C GLU B 29 -12.13 -14.93 -7.78
N ILE B 30 -11.95 -13.79 -7.10
CA ILE B 30 -12.53 -12.59 -7.70
C ILE B 30 -11.75 -12.20 -8.94
N MET B 31 -10.47 -12.54 -9.02
CA MET B 31 -9.73 -12.21 -10.23
C MET B 31 -10.11 -13.13 -11.38
N LYS B 32 -10.23 -14.43 -11.10
CA LYS B 32 -10.60 -15.33 -12.18
C LYS B 32 -12.02 -15.10 -12.71
N PHE B 33 -12.96 -14.71 -11.83
CA PHE B 33 -14.33 -14.43 -12.25
C PHE B 33 -14.61 -12.98 -12.65
N GLY B 34 -13.62 -12.11 -12.43
CA GLY B 34 -13.78 -10.72 -12.82
C GLY B 34 -14.86 -10.01 -12.03
N THR B 35 -14.76 -10.08 -10.71
CA THR B 35 -15.73 -9.41 -9.86
C THR B 35 -15.07 -8.47 -8.90
N PRO B 36 -15.87 -7.71 -8.14
CA PRO B 36 -15.28 -6.79 -7.16
C PRO B 36 -14.71 -7.64 -6.02
N ILE B 37 -13.93 -6.99 -5.18
CA ILE B 37 -13.32 -7.66 -4.05
C ILE B 37 -14.40 -7.77 -2.95
N ARG B 38 -14.85 -9.00 -2.71
CA ARG B 38 -15.88 -9.26 -1.68
C ARG B 38 -15.26 -10.36 -0.85
N CYS B 39 -14.36 -9.98 0.06
CA CYS B 39 -13.60 -10.96 0.84
C CYS B 39 -13.61 -10.85 2.35
N GLY B 40 -14.38 -9.90 2.89
CA GLY B 40 -14.40 -9.73 4.34
C GLY B 40 -13.02 -9.77 5.01
N TYR B 41 -12.18 -8.76 4.77
CA TYR B 41 -10.86 -8.75 5.41
C TYR B 41 -11.00 -8.45 6.90
N ASP B 42 -12.08 -7.73 7.25
CA ASP B 42 -12.33 -7.39 8.64
C ASP B 42 -11.19 -6.62 9.26
N ARG B 43 -10.59 -5.76 8.44
CA ARG B 43 -9.51 -4.91 8.86
C ARG B 43 -10.01 -3.52 8.58
N ASP B 44 -9.11 -2.60 8.26
CA ASP B 44 -9.52 -1.25 7.94
C ASP B 44 -10.62 -1.37 6.88
N PRO B 45 -11.78 -0.76 7.11
CA PRO B 45 -12.86 -0.84 6.12
C PRO B 45 -12.42 -0.33 4.75
N LYS B 46 -11.34 0.46 4.70
CA LYS B 46 -10.87 0.95 3.42
C LYS B 46 -9.92 -0.03 2.75
N LEU B 47 -9.59 -1.13 3.42
CA LEU B 47 -8.64 -2.05 2.79
C LEU B 47 -8.99 -2.57 1.39
N PRO B 48 -10.26 -2.98 1.14
CA PRO B 48 -10.59 -3.48 -0.20
C PRO B 48 -10.23 -2.51 -1.33
N GLY B 49 -10.34 -1.20 -1.07
CA GLY B 49 -9.98 -0.23 -2.10
C GLY B 49 -8.49 -0.25 -2.38
N TYR B 50 -7.68 -0.42 -1.34
CA TYR B 50 -6.24 -0.43 -1.55
C TYR B 50 -5.83 -1.75 -2.22
N VAL B 51 -6.53 -2.84 -1.92
CA VAL B 51 -6.25 -4.12 -2.56
C VAL B 51 -6.57 -4.02 -4.04
N TYR B 52 -7.66 -3.31 -4.37
CA TYR B 52 -7.98 -3.12 -5.79
C TYR B 52 -6.81 -2.46 -6.50
N LYS B 53 -6.24 -1.42 -5.88
CA LYS B 53 -5.14 -0.71 -6.53
C LYS B 53 -3.89 -1.57 -6.65
N CYS B 54 -3.61 -2.33 -5.62
CA CYS B 54 -2.46 -3.22 -5.62
C CYS B 54 -2.61 -4.27 -6.71
N LEU B 55 -3.78 -4.91 -6.79
CA LEU B 55 -3.98 -5.93 -7.80
C LEU B 55 -3.87 -5.35 -9.21
N GLN B 56 -4.42 -4.15 -9.43
CA GLN B 56 -4.31 -3.55 -10.78
C GLN B 56 -2.84 -3.28 -11.14
N ASN B 57 -2.06 -2.86 -10.15
CA ASN B 57 -0.66 -2.56 -10.41
C ASN B 57 0.17 -3.81 -10.73
N VAL B 58 -0.20 -4.96 -10.20
CA VAL B 58 0.52 -6.20 -10.50
C VAL B 58 -0.01 -6.81 -11.81
N LEU B 59 -1.33 -6.94 -11.93
CA LEU B 59 -1.89 -7.54 -13.15
C LEU B 59 -1.62 -6.77 -14.44
N PHE B 60 -1.57 -5.44 -14.34
CA PHE B 60 -1.38 -4.62 -15.52
C PHE B 60 -0.07 -3.83 -15.49
N ALA B 61 0.93 -4.41 -14.82
CA ALA B 61 2.23 -3.77 -14.68
C ALA B 61 2.83 -3.41 -16.03
N LYS B 62 2.72 -4.32 -16.98
CA LYS B 62 3.27 -4.08 -18.32
C LYS B 62 2.41 -3.21 -19.24
N GLU B 63 1.11 -3.12 -18.94
CA GLU B 63 0.19 -2.32 -19.76
C GLU B 63 -0.66 -1.40 -18.88
N PRO B 64 -0.04 -0.34 -18.35
CA PRO B 64 -0.74 0.61 -17.48
C PRO B 64 -2.00 1.22 -18.06
N LYS B 65 -2.09 1.30 -19.39
CA LYS B 65 -3.27 1.88 -20.02
C LYS B 65 -4.51 1.02 -19.79
N LYS B 66 -4.33 -0.20 -19.30
CA LYS B 66 -5.46 -1.11 -19.07
C LYS B 66 -6.11 -0.84 -17.71
N LYS B 67 -5.44 -0.07 -16.86
CA LYS B 67 -5.95 0.24 -15.52
C LYS B 67 -6.98 1.34 -15.50
N ILE B 68 -7.87 1.29 -14.52
CA ILE B 68 -8.85 2.36 -14.33
C ILE B 68 -8.86 2.74 -12.84
N ASN B 69 -8.77 4.03 -12.58
CA ASN B 69 -8.76 4.57 -11.23
C ASN B 69 -10.04 4.17 -10.51
N LEU B 70 -9.89 3.61 -9.31
CA LEU B 70 -11.03 3.19 -8.51
C LEU B 70 -12.06 4.30 -8.27
N ASP B 71 -11.61 5.55 -8.21
CA ASP B 71 -12.55 6.65 -7.97
C ASP B 71 -13.52 6.89 -9.11
N ASP B 72 -13.23 6.38 -10.31
CA ASP B 72 -14.11 6.58 -11.45
C ASP B 72 -15.42 5.81 -11.31
N SER B 73 -15.47 4.86 -10.38
CA SER B 73 -16.69 4.09 -10.22
C SER B 73 -17.88 4.95 -9.78
N VAL B 74 -17.60 6.10 -9.19
CA VAL B 74 -18.69 7.00 -8.77
C VAL B 74 -19.47 7.55 -9.97
N CYS B 75 -18.83 7.56 -11.14
CA CYS B 75 -19.46 8.06 -12.38
C CYS B 75 -20.60 7.17 -12.85
N CYS B 76 -20.61 5.94 -12.39
CA CYS B 76 -21.63 4.99 -12.80
C CYS B 76 -23.07 5.40 -12.48
N SER B 77 -23.24 6.25 -11.46
CA SER B 77 -24.56 6.69 -11.05
C SER B 77 -25.33 7.39 -12.16
N VAL B 78 -24.62 7.91 -13.16
CA VAL B 78 -25.26 8.62 -14.29
C VAL B 78 -26.24 7.71 -15.05
N PHE B 79 -26.02 6.40 -14.98
CA PHE B 79 -26.87 5.49 -15.71
C PHE B 79 -28.17 5.15 -14.99
N GLY B 80 -28.32 5.62 -13.77
CA GLY B 80 -29.55 5.31 -13.04
C GLY B 80 -30.73 6.16 -13.45
N ASN B 81 -31.86 5.51 -13.67
CA ASN B 81 -33.10 6.22 -14.02
C ASN B 81 -34.29 5.32 -13.65
N ASP B 82 -34.92 5.64 -12.53
CA ASP B 82 -36.02 4.83 -12.05
C ASP B 82 -37.22 4.71 -12.94
N GLN B 83 -37.44 5.72 -13.79
CA GLN B 83 -38.55 5.70 -14.72
C GLN B 83 -38.34 4.63 -15.81
N GLU B 84 -37.10 4.42 -16.24
CA GLU B 84 -36.87 3.39 -17.26
C GLU B 84 -36.59 2.04 -16.64
N ASP B 85 -35.84 2.00 -15.54
CA ASP B 85 -35.52 0.73 -14.92
C ASP B 85 -35.27 0.94 -13.43
N SER B 86 -36.26 0.61 -12.62
CA SER B 86 -36.12 0.79 -11.17
C SER B 86 -35.16 -0.18 -10.51
N GLY B 87 -34.65 -1.11 -11.31
CA GLY B 87 -33.64 -2.04 -10.81
C GLY B 87 -32.23 -1.49 -11.06
N ARG B 88 -32.14 -0.40 -11.84
CA ARG B 88 -30.88 0.26 -12.17
C ARG B 88 -29.81 -0.75 -12.63
N ARG B 89 -30.19 -1.62 -13.56
CA ARG B 89 -29.30 -2.67 -14.04
C ARG B 89 -28.00 -2.17 -14.66
N CYS B 90 -28.08 -1.21 -15.58
CA CYS B 90 -26.87 -0.68 -16.19
C CYS B 90 -25.97 -0.02 -15.15
N GLU B 91 -26.57 0.78 -14.26
CA GLU B 91 -25.79 1.44 -13.23
C GLU B 91 -25.09 0.40 -12.34
N ASN B 92 -25.82 -0.63 -11.94
CA ASN B 92 -25.25 -1.65 -11.08
C ASN B 92 -24.17 -2.46 -11.79
N ARG B 93 -24.38 -2.78 -13.07
CA ARG B 93 -23.38 -3.51 -13.83
C ARG B 93 -22.14 -2.65 -13.92
N CYS B 94 -22.33 -1.36 -14.17
CA CYS B 94 -21.20 -0.43 -14.27
C CYS B 94 -20.44 -0.42 -12.96
N LYS B 95 -21.15 -0.29 -11.83
CA LYS B 95 -20.44 -0.24 -10.54
C LYS B 95 -19.63 -1.51 -10.31
N ASN B 96 -20.21 -2.66 -10.68
CA ASN B 96 -19.50 -3.91 -10.50
C ASN B 96 -18.25 -3.93 -11.39
N LEU B 97 -18.41 -3.61 -12.67
CA LEU B 97 -17.25 -3.62 -13.58
C LEU B 97 -16.16 -2.66 -13.13
N MET B 98 -16.58 -1.45 -12.76
CA MET B 98 -15.63 -0.42 -12.35
C MET B 98 -14.90 -0.69 -11.05
N THR B 99 -15.31 -1.73 -10.32
CA THR B 99 -14.63 -2.08 -9.09
C THR B 99 -14.04 -3.50 -9.16
N SER B 100 -13.99 -4.09 -10.36
CA SER B 100 -13.42 -5.45 -10.56
C SER B 100 -11.98 -5.24 -11.03
N PRO B 101 -11.00 -5.44 -10.14
CA PRO B 101 -9.61 -5.22 -10.54
C PRO B 101 -9.03 -6.00 -11.70
N SER B 102 -9.54 -7.19 -12.00
CA SER B 102 -8.95 -7.96 -13.09
C SER B 102 -9.51 -7.73 -14.49
N ILE B 103 -10.50 -6.85 -14.60
CA ILE B 103 -11.09 -6.56 -15.91
C ILE B 103 -10.44 -5.32 -16.48
N ASP B 104 -9.82 -5.47 -17.67
CA ASP B 104 -9.17 -4.33 -18.27
C ASP B 104 -10.15 -3.27 -18.74
N ALA B 105 -9.62 -2.08 -18.97
CA ALA B 105 -10.44 -0.95 -19.35
C ALA B 105 -11.32 -1.17 -20.55
N ALA B 106 -10.76 -1.72 -21.62
CA ALA B 106 -11.55 -1.89 -22.83
C ALA B 106 -12.75 -2.82 -22.62
N THR B 107 -12.52 -3.90 -21.87
CA THR B 107 -13.61 -4.84 -21.61
C THR B 107 -14.74 -4.17 -20.83
N ARG B 108 -14.36 -3.42 -19.79
CA ARG B 108 -15.36 -2.71 -18.99
C ARG B 108 -16.12 -1.70 -19.85
N LEU B 109 -15.37 -0.86 -20.56
CA LEU B 109 -16.01 0.19 -21.35
C LEU B 109 -16.88 -0.34 -22.46
N ASP B 110 -16.48 -1.45 -23.08
CA ASP B 110 -17.32 -2.03 -24.14
C ASP B 110 -18.66 -2.46 -23.54
N SER B 111 -18.64 -3.05 -22.35
CA SER B 111 -19.88 -3.50 -21.73
C SER B 111 -20.75 -2.34 -21.28
N ILE B 112 -20.11 -1.32 -20.71
CA ILE B 112 -20.85 -0.15 -20.23
C ILE B 112 -21.45 0.61 -21.40
N LYS B 113 -20.70 0.75 -22.49
CA LYS B 113 -21.21 1.47 -23.66
C LYS B 113 -22.36 0.67 -24.23
N SER B 114 -22.22 -0.65 -24.27
CA SER B 114 -23.28 -1.51 -24.80
C SER B 114 -24.60 -1.42 -24.03
N CYS B 115 -24.56 -1.46 -22.70
CA CYS B 115 -25.82 -1.43 -21.99
C CYS B 115 -26.51 -0.09 -22.10
N SER B 116 -25.74 0.97 -22.34
CA SER B 116 -26.36 2.29 -22.42
C SER B 116 -26.63 2.73 -23.86
N LEU B 117 -26.64 1.79 -24.82
CA LEU B 117 -26.81 2.14 -26.22
C LEU B 117 -28.07 2.91 -26.60
N LEU B 118 -29.15 2.77 -25.85
CA LEU B 118 -30.37 3.50 -26.19
C LEU B 118 -30.34 4.92 -25.65
N ASP B 119 -29.30 5.25 -24.89
CA ASP B 119 -29.14 6.60 -24.34
C ASP B 119 -27.65 6.93 -24.34
N ASN B 120 -27.11 7.15 -25.54
CA ASN B 120 -25.69 7.43 -25.67
C ASN B 120 -25.25 8.69 -24.93
N VAL B 121 -26.17 9.62 -24.70
CA VAL B 121 -25.82 10.84 -23.99
C VAL B 121 -25.31 10.50 -22.59
N LEU B 122 -25.86 9.45 -21.98
CA LEU B 122 -25.46 9.04 -20.64
C LEU B 122 -24.05 8.51 -20.60
N TYR B 123 -23.64 7.80 -21.64
CA TYR B 123 -22.29 7.26 -21.74
C TYR B 123 -21.29 8.41 -21.96
N LYS B 124 -21.69 9.40 -22.75
CA LYS B 124 -20.83 10.54 -23.01
C LYS B 124 -20.64 11.27 -21.70
N CYS B 125 -21.68 11.33 -20.89
CA CYS B 125 -21.60 11.98 -19.58
C CYS B 125 -20.68 11.16 -18.65
N PHE B 126 -20.80 9.84 -18.70
CA PHE B 126 -19.97 8.97 -17.87
C PHE B 126 -18.51 9.26 -18.22
N GLU B 127 -18.22 9.37 -19.52
CA GLU B 127 -16.85 9.63 -19.98
C GLU B 127 -16.39 11.02 -19.55
N LYS B 128 -17.30 12.00 -19.57
CA LYS B 128 -16.92 13.35 -19.12
C LYS B 128 -16.60 13.34 -17.63
N CYS B 129 -17.42 12.62 -16.87
CA CYS B 129 -17.19 12.47 -15.44
C CYS B 129 -15.78 11.90 -15.18
N ARG B 130 -15.38 10.88 -15.94
CA ARG B 130 -14.06 10.30 -15.78
C ARG B 130 -12.98 11.32 -16.12
N SER B 131 -13.22 12.12 -17.15
CA SER B 131 -12.25 13.16 -17.56
C SER B 131 -12.08 14.20 -16.48
N LEU B 132 -13.17 14.67 -15.89
CA LEU B 132 -13.06 15.66 -14.82
C LEU B 132 -12.34 15.10 -13.59
N ARG B 133 -12.57 13.81 -13.28
CA ARG B 133 -11.90 13.19 -12.12
C ARG B 133 -10.39 13.23 -12.41
N LYS B 134 -10.00 12.84 -13.62
CA LYS B 134 -8.59 12.87 -14.01
C LYS B 134 -8.02 14.30 -13.96
N ASP B 135 -8.88 15.28 -14.19
CA ASP B 135 -8.51 16.69 -14.17
C ASP B 135 -8.35 17.26 -12.76
N GLY B 136 -8.54 16.41 -11.75
CA GLY B 136 -8.37 16.81 -10.37
C GLY B 136 -9.63 17.23 -9.60
N ILE B 137 -10.77 17.04 -10.21
CA ILE B 137 -12.00 17.39 -9.52
C ILE B 137 -12.56 16.17 -8.77
N LYS B 138 -12.90 16.34 -7.50
CA LYS B 138 -13.51 15.25 -6.73
C LYS B 138 -14.94 15.23 -7.26
N ILE B 139 -15.17 14.43 -8.30
CA ILE B 139 -16.48 14.40 -8.95
C ILE B 139 -17.70 14.16 -8.11
N GLU B 140 -17.52 13.46 -6.99
CA GLU B 140 -18.62 13.19 -6.07
C GLU B 140 -19.21 14.51 -5.56
N VAL B 141 -18.42 15.57 -5.63
CA VAL B 141 -18.85 16.91 -5.19
C VAL B 141 -19.83 17.58 -6.17
N LEU B 142 -19.78 17.19 -7.44
CA LEU B 142 -20.65 17.76 -8.46
C LEU B 142 -21.84 16.89 -8.89
N GLN B 143 -22.97 17.51 -9.21
CA GLN B 143 -24.14 16.79 -9.71
C GLN B 143 -23.89 16.63 -11.21
N PHE B 144 -24.37 15.56 -11.85
CA PHE B 144 -24.13 15.38 -13.28
C PHE B 144 -24.67 16.55 -14.10
N GLU B 145 -25.79 17.10 -13.64
CA GLU B 145 -26.43 18.22 -14.31
C GLU B 145 -25.53 19.46 -14.34
N GLU B 146 -24.50 19.47 -13.50
CA GLU B 146 -23.58 20.61 -13.47
C GLU B 146 -22.51 20.58 -14.55
N TYR B 147 -22.30 19.43 -15.17
CA TYR B 147 -21.27 19.39 -16.21
C TYR B 147 -21.65 18.61 -17.46
N CYS B 148 -22.84 18.04 -17.46
CA CYS B 148 -23.33 17.29 -18.61
C CYS B 148 -24.59 18.01 -19.11
#